data_4HFK
#
_entry.id   4HFK
#
_cell.length_a   91.342
_cell.length_b   138.144
_cell.length_c   64.462
_cell.angle_alpha   90.00
_cell.angle_beta   127.89
_cell.angle_gamma   90.00
#
_symmetry.space_group_name_H-M   'C 1 2 1'
#
loop_
_entity.id
_entity.type
_entity.pdbx_description
1 polymer 'Putative cytoplasmic protein'
2 polymer 'Putative uncharacterized protein'
3 non-polymer 'SULFATE ION'
4 water water
#
loop_
_entity_poly.entity_id
_entity_poly.type
_entity_poly.pdbx_seq_one_letter_code
_entity_poly.pdbx_strand_id
1 'polypeptide(L)'
;HMASMTGGQQMGRMSHMRPAFGAAWNRFKEVNVNVEQVGKLLGGKVQHNIDAGIFKNACPIRMSYVLNYCGIPVPSNSKY
ATVTGSDKKRYMFRVKDMIAFLPTVLGKADISVSSPTPAQFAGKQGIIIFTGHGWLDATGHVTLWNGNICSDDCHFLGSP
GNGSFIPTNATFWSLK
;
A,C
2 'polypeptide(L)'
;QTLPDISTFSQQQIFENWVQNRCIGKIADSKSLKEDADASAAAWLEASNLPAENFEKADEVIVSLLKQKVGGTEPGHYQI
LKCTLIANSDAIRPLKSSKHHHHHH
;
B,D
#
loop_
_chem_comp.id
_chem_comp.type
_chem_comp.name
_chem_comp.formula
SO4 non-polymer 'SULFATE ION' 'O4 S -2'
#
# COMPACT_ATOMS: atom_id res chain seq x y z
N MET A 17 -26.90 -38.19 1.83
CA MET A 17 -26.19 -39.13 2.70
C MET A 17 -24.84 -38.55 3.14
N ARG A 18 -24.77 -38.14 4.41
CA ARG A 18 -23.57 -37.53 4.96
C ARG A 18 -22.44 -38.54 5.06
N PRO A 19 -21.18 -38.06 5.00
CA PRO A 19 -20.05 -38.97 5.15
C PRO A 19 -19.99 -39.59 6.54
N ALA A 20 -19.26 -40.69 6.67
CA ALA A 20 -19.07 -41.34 7.96
C ALA A 20 -18.05 -40.57 8.77
N PHE A 21 -18.26 -40.47 10.09
CA PHE A 21 -17.37 -39.69 10.93
C PHE A 21 -15.94 -40.25 10.98
N GLY A 22 -15.81 -41.56 11.13
CA GLY A 22 -14.49 -42.21 11.19
C GLY A 22 -13.64 -41.93 9.96
N ALA A 23 -14.25 -42.08 8.78
CA ALA A 23 -13.56 -41.79 7.52
C ALA A 23 -13.18 -40.31 7.47
N ALA A 24 -14.15 -39.44 7.77
CA ALA A 24 -13.89 -38.00 7.81
C ALA A 24 -12.74 -37.67 8.74
N TRP A 25 -12.74 -38.26 9.93
CA TRP A 25 -11.70 -38.00 10.91
C TRP A 25 -10.33 -38.47 10.42
N ASN A 26 -10.30 -39.64 9.79
CA ASN A 26 -9.05 -40.18 9.25
C ASN A 26 -8.50 -39.36 8.07
N ARG A 27 -9.41 -38.91 7.20
CA ARG A 27 -8.99 -38.08 6.07
C ARG A 27 -8.46 -36.74 6.59
N PHE A 28 -9.12 -36.18 7.60
CA PHE A 28 -8.67 -34.89 8.12
C PHE A 28 -7.28 -35.00 8.71
N LYS A 29 -7.02 -36.11 9.42
CA LYS A 29 -5.70 -36.34 10.01
C LYS A 29 -4.61 -36.22 8.97
N GLU A 30 -4.89 -36.73 7.78
CA GLU A 30 -3.89 -36.75 6.70
C GLU A 30 -3.52 -35.35 6.25
N VAL A 31 -4.42 -34.39 6.45
CA VAL A 31 -4.13 -33.01 6.05
C VAL A 31 -4.02 -32.07 7.25
N ASN A 32 -3.96 -32.62 8.47
CA ASN A 32 -3.78 -31.81 9.67
C ASN A 32 -2.31 -31.41 9.82
N VAL A 33 -1.78 -30.71 8.83
CA VAL A 33 -0.39 -30.27 8.81
C VAL A 33 -0.37 -28.86 8.25
N ASN A 34 0.76 -28.16 8.33
CA ASN A 34 0.80 -26.77 7.85
C ASN A 34 0.53 -26.69 6.35
N VAL A 35 0.24 -25.49 5.87
CA VAL A 35 -0.24 -25.30 4.51
C VAL A 35 0.77 -25.78 3.46
N GLU A 36 2.05 -25.62 3.73
CA GLU A 36 3.07 -26.04 2.77
C GLU A 36 3.01 -27.55 2.58
N GLN A 37 2.84 -28.26 3.69
CA GLN A 37 2.73 -29.71 3.66
C GLN A 37 1.40 -30.17 3.06
N VAL A 38 0.33 -29.39 3.26
CA VAL A 38 -0.92 -29.70 2.57
C VAL A 38 -0.70 -29.65 1.06
N GLY A 39 0.00 -28.61 0.60
CA GLY A 39 0.34 -28.47 -0.81
C GLY A 39 1.15 -29.64 -1.36
N LYS A 40 2.17 -30.05 -0.62
CA LYS A 40 2.93 -31.23 -0.97
C LYS A 40 2.02 -32.46 -1.16
N LEU A 41 1.09 -32.68 -0.25
CA LEU A 41 0.20 -33.84 -0.39
C LEU A 41 -0.77 -33.75 -1.58
N LEU A 42 -1.33 -32.57 -1.83
CA LEU A 42 -2.36 -32.45 -2.85
C LEU A 42 -1.81 -32.20 -4.25
N GLY A 43 -0.62 -31.60 -4.34
CA GLY A 43 0.01 -31.31 -5.63
C GLY A 43 -0.79 -30.38 -6.54
N GLY A 44 -0.41 -30.34 -7.81
CA GLY A 44 -1.16 -29.61 -8.82
C GLY A 44 -1.23 -28.11 -8.56
N LYS A 45 -2.34 -27.50 -8.98
CA LYS A 45 -2.49 -26.05 -8.85
C LYS A 45 -2.63 -25.64 -7.38
N VAL A 46 -3.17 -26.53 -6.55
CA VAL A 46 -3.21 -26.28 -5.11
C VAL A 46 -1.81 -26.04 -4.55
N GLN A 47 -0.88 -26.94 -4.86
CA GLN A 47 0.51 -26.78 -4.39
C GLN A 47 1.16 -25.56 -5.01
N HIS A 48 0.92 -25.34 -6.29
CA HIS A 48 1.48 -24.19 -6.97
C HIS A 48 1.09 -22.89 -6.29
N ASN A 49 -0.19 -22.72 -5.99
CA ASN A 49 -0.64 -21.49 -5.36
C ASN A 49 -0.20 -21.37 -3.89
N ILE A 50 -0.07 -22.50 -3.21
CA ILE A 50 0.47 -22.48 -1.85
C ILE A 50 1.96 -22.12 -1.89
N ASP A 51 2.73 -22.77 -2.76
CA ASP A 51 4.16 -22.47 -2.88
C ASP A 51 4.38 -21.01 -3.32
N ALA A 52 3.46 -20.47 -4.11
CA ALA A 52 3.59 -19.07 -4.55
C ALA A 52 3.25 -18.08 -3.44
N GLY A 53 2.71 -18.59 -2.32
CA GLY A 53 2.36 -17.73 -1.20
C GLY A 53 0.99 -17.10 -1.36
N ILE A 54 0.30 -17.45 -2.44
CA ILE A 54 -1.06 -16.96 -2.70
C ILE A 54 -2.12 -17.56 -1.75
N PHE A 55 -2.08 -18.89 -1.55
CA PHE A 55 -2.98 -19.53 -0.58
C PHE A 55 -2.28 -19.67 0.77
N LYS A 56 -2.85 -19.06 1.81
CA LYS A 56 -2.28 -19.17 3.15
C LYS A 56 -3.19 -19.98 4.06
N ASN A 57 -4.50 -19.77 3.91
CA ASN A 57 -5.47 -20.40 4.80
C ASN A 57 -5.77 -21.80 4.32
N ALA A 58 -5.27 -22.81 5.02
CA ALA A 58 -5.47 -24.18 4.59
C ALA A 58 -6.85 -24.73 4.96
N CYS A 59 -7.59 -23.98 5.78
CA CYS A 59 -8.85 -24.50 6.34
C CYS A 59 -9.86 -25.00 5.31
N PRO A 60 -10.24 -24.16 4.33
CA PRO A 60 -11.19 -24.70 3.35
C PRO A 60 -10.56 -25.77 2.46
N ILE A 61 -9.24 -25.75 2.32
CA ILE A 61 -8.57 -26.75 1.51
C ILE A 61 -8.63 -28.15 2.18
N ARG A 62 -8.38 -28.19 3.49
CA ARG A 62 -8.46 -29.44 4.24
C ARG A 62 -9.85 -30.05 4.15
N MET A 63 -10.87 -29.22 4.35
CA MET A 63 -12.22 -29.76 4.36
C MET A 63 -12.65 -30.19 2.96
N SER A 64 -12.07 -29.55 1.94
CA SER A 64 -12.31 -29.94 0.55
C SER A 64 -11.76 -31.34 0.33
N TYR A 65 -10.57 -31.59 0.88
CA TYR A 65 -9.95 -32.91 0.82
C TYR A 65 -10.83 -33.96 1.50
N VAL A 66 -11.31 -33.62 2.70
CA VAL A 66 -12.13 -34.57 3.47
C VAL A 66 -13.38 -34.94 2.68
N LEU A 67 -14.08 -33.92 2.20
CA LEU A 67 -15.34 -34.11 1.51
C LEU A 67 -15.11 -34.90 0.23
N ASN A 68 -14.10 -34.53 -0.54
CA ASN A 68 -13.75 -35.23 -1.78
C ASN A 68 -13.52 -36.72 -1.57
N TYR A 69 -12.91 -37.07 -0.43
CA TYR A 69 -12.52 -38.45 -0.20
C TYR A 69 -13.44 -39.19 0.77
N CYS A 70 -14.58 -38.56 1.06
CA CYS A 70 -15.62 -39.20 1.86
C CYS A 70 -16.97 -39.12 1.16
N GLY A 71 -16.95 -39.19 -0.16
CA GLY A 71 -18.18 -39.34 -0.92
C GLY A 71 -18.92 -38.08 -1.31
N ILE A 72 -18.35 -36.91 -1.03
CA ILE A 72 -18.98 -35.64 -1.42
C ILE A 72 -18.02 -34.85 -2.30
N PRO A 73 -18.09 -35.04 -3.62
CA PRO A 73 -17.14 -34.33 -4.49
C PRO A 73 -17.37 -32.82 -4.45
N VAL A 74 -16.29 -32.06 -4.40
CA VAL A 74 -16.37 -30.61 -4.55
C VAL A 74 -16.64 -30.34 -6.03
N PRO A 75 -17.74 -29.66 -6.33
CA PRO A 75 -18.24 -29.47 -7.70
C PRO A 75 -17.48 -28.39 -8.46
N SER A 76 -17.66 -28.37 -9.78
CA SER A 76 -17.25 -27.23 -10.60
C SER A 76 -18.46 -26.33 -10.74
N ASN A 77 -18.55 -25.34 -9.85
CA ASN A 77 -19.71 -24.48 -9.72
C ASN A 77 -19.15 -23.06 -9.60
N SER A 78 -19.83 -22.10 -10.22
CA SER A 78 -19.32 -20.72 -10.22
C SER A 78 -19.42 -20.14 -8.82
N LYS A 79 -20.37 -20.66 -8.04
CA LYS A 79 -20.61 -20.20 -6.69
C LYS A 79 -19.40 -20.43 -5.77
N TYR A 80 -18.62 -21.45 -6.06
CA TYR A 80 -17.52 -21.83 -5.17
C TYR A 80 -16.21 -21.88 -5.92
N ALA A 81 -15.31 -20.95 -5.62
CA ALA A 81 -14.05 -20.84 -6.34
C ALA A 81 -13.14 -21.99 -5.99
N THR A 82 -12.63 -22.69 -7.01
CA THR A 82 -11.80 -23.86 -6.77
C THR A 82 -10.61 -23.88 -7.70
N VAL A 83 -9.59 -24.65 -7.30
CA VAL A 83 -8.49 -25.03 -8.17
C VAL A 83 -8.35 -26.54 -8.01
N THR A 84 -7.58 -27.16 -8.89
CA THR A 84 -7.43 -28.62 -8.87
C THR A 84 -6.15 -29.05 -8.16
N GLY A 85 -6.19 -30.23 -7.54
CA GLY A 85 -4.97 -30.85 -7.05
C GLY A 85 -4.37 -31.72 -8.16
N SER A 86 -3.29 -32.45 -7.87
CA SER A 86 -2.74 -33.37 -8.88
C SER A 86 -3.75 -34.48 -9.22
N ASP A 87 -4.66 -34.75 -8.29
CA ASP A 87 -5.71 -35.74 -8.53
C ASP A 87 -6.75 -35.24 -9.53
N LYS A 88 -6.64 -33.98 -9.94
CA LYS A 88 -7.65 -33.32 -10.79
C LYS A 88 -9.00 -33.15 -10.10
N LYS A 89 -9.05 -33.38 -8.79
CA LYS A 89 -10.25 -33.01 -8.03
C LYS A 89 -10.18 -31.53 -7.68
N ARG A 90 -11.31 -30.97 -7.26
CA ARG A 90 -11.41 -29.53 -6.98
C ARG A 90 -11.32 -29.23 -5.49
N TYR A 91 -10.68 -28.11 -5.19
CA TYR A 91 -10.46 -27.70 -3.81
C TYR A 91 -10.81 -26.23 -3.65
N MET A 92 -11.66 -25.90 -2.68
CA MET A 92 -12.00 -24.51 -2.40
C MET A 92 -10.89 -23.86 -1.62
N PHE A 93 -10.62 -22.57 -1.89
CA PHE A 93 -9.58 -21.85 -1.15
C PHE A 93 -10.12 -20.71 -0.30
N ARG A 94 -11.43 -20.49 -0.32
CA ARG A 94 -12.03 -19.42 0.50
C ARG A 94 -12.92 -20.07 1.55
N VAL A 95 -12.71 -19.73 2.81
CA VAL A 95 -13.49 -20.36 3.86
C VAL A 95 -14.98 -19.99 3.76
N LYS A 96 -15.27 -18.78 3.26
CA LYS A 96 -16.67 -18.34 3.12
C LYS A 96 -17.44 -19.25 2.15
N ASP A 97 -16.75 -19.74 1.12
CA ASP A 97 -17.36 -20.64 0.16
C ASP A 97 -17.62 -22.02 0.79
N MET A 98 -16.67 -22.50 1.59
CA MET A 98 -16.85 -23.80 2.23
C MET A 98 -18.02 -23.74 3.22
N ILE A 99 -18.11 -22.62 3.95
CA ILE A 99 -19.21 -22.41 4.89
C ILE A 99 -20.56 -22.43 4.14
N ALA A 100 -20.63 -21.76 2.99
CA ALA A 100 -21.87 -21.71 2.21
C ALA A 100 -22.19 -23.05 1.57
N PHE A 101 -21.15 -23.79 1.19
CA PHE A 101 -21.30 -25.07 0.48
C PHE A 101 -21.91 -26.16 1.37
N LEU A 102 -21.47 -26.21 2.62
CA LEU A 102 -21.82 -27.33 3.48
C LEU A 102 -23.33 -27.61 3.61
N PRO A 103 -24.17 -26.57 3.84
CA PRO A 103 -25.60 -26.91 3.89
C PRO A 103 -26.19 -27.41 2.57
N THR A 104 -25.59 -27.06 1.43
CA THR A 104 -26.15 -27.49 0.13
C THR A 104 -25.93 -28.98 -0.13
N VAL A 105 -25.02 -29.60 0.61
CA VAL A 105 -24.78 -31.03 0.43
C VAL A 105 -25.06 -31.85 1.68
N LEU A 106 -25.12 -31.18 2.84
CA LEU A 106 -25.41 -31.89 4.07
C LEU A 106 -26.84 -31.67 4.56
N GLY A 107 -27.56 -30.76 3.90
CA GLY A 107 -28.89 -30.40 4.33
C GLY A 107 -28.83 -29.38 5.44
N LYS A 108 -29.95 -29.18 6.13
CA LYS A 108 -30.04 -28.21 7.22
C LYS A 108 -29.17 -28.64 8.40
N ALA A 109 -28.47 -27.69 9.00
CA ALA A 109 -27.64 -27.96 10.18
C ALA A 109 -28.48 -28.54 11.32
N ASP A 110 -27.94 -29.52 12.03
CA ASP A 110 -28.60 -30.08 13.21
C ASP A 110 -28.61 -29.07 14.35
N ILE A 111 -27.47 -28.43 14.60
CA ILE A 111 -27.35 -27.50 15.72
C ILE A 111 -26.75 -26.16 15.27
N SER A 112 -27.36 -25.07 15.73
CA SER A 112 -26.85 -23.73 15.47
C SER A 112 -27.11 -22.90 16.72
N VAL A 113 -26.04 -22.42 17.35
CA VAL A 113 -26.18 -21.69 18.62
C VAL A 113 -25.28 -20.45 18.69
N SER A 114 -25.78 -19.41 19.35
CA SER A 114 -24.99 -18.24 19.68
C SER A 114 -24.15 -18.52 20.92
N SER A 115 -23.15 -17.69 21.17
CA SER A 115 -22.23 -17.87 22.30
C SER A 115 -21.81 -19.32 22.46
N PRO A 116 -21.12 -19.88 21.45
CA PRO A 116 -20.88 -21.34 21.44
C PRO A 116 -19.88 -21.81 22.48
N THR A 117 -20.26 -22.86 23.20
CA THR A 117 -19.36 -23.58 24.09
C THR A 117 -19.53 -25.06 23.76
N PRO A 118 -18.68 -25.94 24.34
CA PRO A 118 -18.93 -27.35 24.04
C PRO A 118 -20.25 -27.88 24.64
N ALA A 119 -20.87 -27.13 25.54
CA ALA A 119 -22.09 -27.60 26.23
C ALA A 119 -23.13 -28.06 25.22
N GLN A 120 -23.28 -27.27 24.17
CA GLN A 120 -24.33 -27.49 23.19
C GLN A 120 -24.01 -28.68 22.28
N PHE A 121 -22.79 -29.20 22.39
CA PHE A 121 -22.31 -30.23 21.47
C PHE A 121 -21.84 -31.51 22.19
N ALA A 122 -22.26 -31.67 23.45
CA ALA A 122 -21.91 -32.86 24.23
C ALA A 122 -22.58 -34.08 23.64
N GLY A 123 -21.82 -35.17 23.54
CA GLY A 123 -22.35 -36.42 23.00
C GLY A 123 -22.51 -36.43 21.48
N LYS A 124 -22.08 -35.35 20.82
CA LYS A 124 -22.22 -35.22 19.37
C LYS A 124 -20.88 -35.41 18.66
N GLN A 125 -20.93 -35.91 17.42
CA GLN A 125 -19.74 -35.97 16.57
C GLN A 125 -20.09 -35.58 15.13
N GLY A 126 -19.22 -34.80 14.49
CA GLY A 126 -19.48 -34.38 13.13
C GLY A 126 -18.69 -33.17 12.68
N ILE A 127 -19.29 -32.41 11.76
CA ILE A 127 -18.64 -31.25 11.17
C ILE A 127 -19.13 -30.00 11.86
N ILE A 128 -18.20 -29.14 12.28
CA ILE A 128 -18.60 -27.91 12.98
C ILE A 128 -18.00 -26.66 12.32
N ILE A 129 -18.77 -25.59 12.35
CA ILE A 129 -18.32 -24.31 11.84
C ILE A 129 -18.42 -23.29 12.96
N PHE A 130 -17.31 -22.60 13.22
CA PHE A 130 -17.30 -21.51 14.18
C PHE A 130 -17.25 -20.23 13.36
N THR A 131 -18.23 -19.35 13.54
CA THR A 131 -18.21 -18.06 12.85
C THR A 131 -18.15 -16.94 13.87
N GLY A 132 -17.57 -15.81 13.50
CA GLY A 132 -17.43 -14.68 14.40
C GLY A 132 -16.66 -13.55 13.76
N HIS A 133 -16.28 -12.55 14.57
CA HIS A 133 -15.54 -11.41 14.05
C HIS A 133 -14.15 -11.37 14.67
N GLY A 134 -13.19 -10.71 14.00
CA GLY A 134 -11.87 -10.53 14.59
C GLY A 134 -10.72 -11.06 13.77
N TRP A 135 -10.99 -12.01 12.88
CA TRP A 135 -10.02 -12.46 11.89
C TRP A 135 -10.25 -11.69 10.59
N LEU A 136 -9.30 -10.83 10.20
CA LEU A 136 -9.47 -10.06 8.98
C LEU A 136 -9.54 -10.92 7.72
N ASP A 137 -8.92 -12.11 7.77
CA ASP A 137 -8.81 -12.95 6.60
C ASP A 137 -9.84 -14.08 6.53
N ALA A 138 -10.71 -14.17 7.54
CA ALA A 138 -11.61 -15.31 7.66
C ALA A 138 -12.83 -15.05 8.52
N THR A 139 -14.02 -15.32 7.97
CA THR A 139 -15.26 -15.14 8.72
C THR A 139 -15.50 -16.26 9.71
N GLY A 140 -14.73 -17.35 9.57
CA GLY A 140 -14.83 -18.45 10.51
C GLY A 140 -13.86 -19.59 10.31
N HIS A 141 -14.09 -20.69 11.04
CA HIS A 141 -13.24 -21.87 10.96
C HIS A 141 -14.13 -23.11 10.81
N VAL A 142 -13.75 -23.99 9.89
CA VAL A 142 -14.50 -25.20 9.61
C VAL A 142 -13.67 -26.43 9.95
N THR A 143 -14.20 -27.32 10.80
CA THR A 143 -13.42 -28.46 11.24
C THR A 143 -14.32 -29.62 11.70
N LEU A 144 -13.72 -30.64 12.31
CA LEU A 144 -14.50 -31.76 12.83
C LEU A 144 -14.48 -31.71 14.36
N TRP A 145 -15.55 -32.23 14.96
CA TRP A 145 -15.70 -32.29 16.41
C TRP A 145 -16.02 -33.75 16.80
N ASN A 146 -15.29 -34.30 17.77
CA ASN A 146 -15.52 -35.70 18.13
C ASN A 146 -16.30 -35.90 19.44
N GLY A 147 -16.80 -34.80 20.02
CA GLY A 147 -17.45 -34.88 21.32
C GLY A 147 -16.58 -34.34 22.45
N ASN A 148 -15.27 -34.26 22.21
CA ASN A 148 -14.33 -33.78 23.22
C ASN A 148 -13.36 -32.71 22.70
N ILE A 149 -12.86 -32.92 21.50
CA ILE A 149 -11.86 -32.02 20.90
C ILE A 149 -12.19 -31.83 19.43
N CYS A 150 -11.53 -30.89 18.78
CA CYS A 150 -11.69 -30.74 17.34
C CYS A 150 -10.54 -31.45 16.63
N SER A 151 -10.69 -31.67 15.33
CA SER A 151 -9.66 -32.36 14.57
C SER A 151 -8.41 -31.50 14.33
N ASP A 152 -8.52 -30.17 14.41
CA ASP A 152 -7.31 -29.37 14.57
C ASP A 152 -7.33 -28.51 15.84
N ASP A 153 -8.08 -27.42 15.80
CA ASP A 153 -8.23 -26.54 16.95
C ASP A 153 -9.67 -26.08 17.00
N CYS A 154 -10.26 -26.05 18.19
CA CYS A 154 -11.64 -25.55 18.31
C CYS A 154 -11.61 -24.03 18.46
N HIS A 155 -12.75 -23.38 18.19
CA HIS A 155 -12.86 -21.94 18.39
C HIS A 155 -14.20 -21.59 19.04
N PHE A 156 -14.46 -22.26 20.17
CA PHE A 156 -15.56 -21.88 21.05
C PHE A 156 -15.15 -20.61 21.76
N LEU A 157 -16.06 -20.03 22.53
CA LEU A 157 -15.72 -18.93 23.42
C LEU A 157 -14.55 -19.38 24.29
N GLY A 158 -13.58 -18.50 24.46
CA GLY A 158 -12.45 -18.80 25.32
C GLY A 158 -11.45 -19.85 24.85
N SER A 159 -11.60 -20.35 23.63
CA SER A 159 -10.63 -21.33 23.10
C SER A 159 -9.26 -20.66 22.97
N PRO A 160 -8.20 -21.37 23.38
CA PRO A 160 -6.85 -20.79 23.48
C PRO A 160 -6.23 -20.40 22.14
N GLY A 161 -6.71 -20.97 21.04
CA GLY A 161 -6.16 -20.61 19.74
C GLY A 161 -6.94 -19.52 19.02
N ASN A 162 -7.88 -18.88 19.72
CA ASN A 162 -8.74 -17.89 19.08
C ASN A 162 -7.99 -16.67 18.55
N GLY A 163 -6.97 -16.24 19.30
CA GLY A 163 -6.26 -15.03 18.93
C GLY A 163 -7.23 -13.86 18.97
N SER A 164 -7.36 -13.15 17.86
CA SER A 164 -8.26 -12.00 17.83
C SER A 164 -9.69 -12.39 17.45
N PHE A 165 -9.92 -13.67 17.16
CA PHE A 165 -11.25 -14.14 16.76
C PHE A 165 -12.18 -14.22 17.96
N ILE A 166 -13.40 -13.73 17.79
CA ILE A 166 -14.43 -13.89 18.80
C ILE A 166 -15.65 -14.58 18.18
N PRO A 167 -15.89 -15.84 18.56
CA PRO A 167 -16.99 -16.62 17.99
C PRO A 167 -18.35 -16.06 18.40
N THR A 168 -19.26 -15.95 17.46
CA THR A 168 -20.63 -15.54 17.78
C THR A 168 -21.61 -16.65 17.47
N ASN A 169 -21.15 -17.68 16.78
CA ASN A 169 -22.02 -18.82 16.41
C ASN A 169 -21.22 -20.07 16.13
N ALA A 170 -21.82 -21.21 16.48
CA ALA A 170 -21.33 -22.49 15.99
C ALA A 170 -22.48 -23.25 15.33
N THR A 171 -22.20 -23.79 14.16
CA THR A 171 -23.17 -24.53 13.36
C THR A 171 -22.59 -25.93 13.12
N PHE A 172 -23.45 -26.94 13.21
CA PHE A 172 -22.96 -28.33 13.33
C PHE A 172 -23.85 -29.35 12.64
N TRP A 173 -23.21 -30.36 12.04
CA TRP A 173 -23.89 -31.51 11.43
C TRP A 173 -23.36 -32.82 12.01
N SER A 174 -24.24 -33.66 12.56
CA SER A 174 -23.85 -34.97 13.06
C SER A 174 -23.40 -35.87 11.92
N LEU A 175 -22.32 -36.62 12.13
CA LEU A 175 -21.93 -37.67 11.19
C LEU A 175 -22.03 -39.04 11.87
N LYS A 176 -22.61 -40.00 11.11
CA LYS A 176 -22.83 -41.42 11.48
C LYS A 176 -24.19 -41.69 12.10
N GLN B 1 -9.55 5.52 16.90
CA GLN B 1 -10.89 5.24 16.38
C GLN B 1 -10.90 3.94 15.56
N THR B 2 -12.09 3.54 15.10
CA THR B 2 -12.26 2.23 14.48
C THR B 2 -11.86 2.16 13.00
N LEU B 3 -11.23 1.05 12.62
CA LEU B 3 -10.83 0.83 11.24
C LEU B 3 -12.02 0.29 10.43
N PRO B 4 -12.06 0.61 9.13
CA PRO B 4 -13.13 0.10 8.25
C PRO B 4 -13.02 -1.42 8.05
N ASP B 5 -14.15 -2.07 7.86
CA ASP B 5 -14.16 -3.49 7.53
C ASP B 5 -13.70 -3.70 6.08
N ILE B 6 -13.05 -4.83 5.79
CA ILE B 6 -12.66 -5.13 4.40
C ILE B 6 -13.86 -5.11 3.44
N SER B 7 -15.02 -5.51 3.94
CA SER B 7 -16.24 -5.58 3.14
C SER B 7 -16.74 -4.20 2.68
N THR B 8 -16.22 -3.12 3.27
CA THR B 8 -16.63 -1.78 2.85
C THR B 8 -15.89 -1.29 1.61
N PHE B 9 -14.90 -2.05 1.13
CA PHE B 9 -14.20 -1.70 -0.11
C PHE B 9 -14.95 -2.29 -1.29
N SER B 10 -14.76 -1.73 -2.48
CA SER B 10 -15.37 -2.30 -3.68
C SER B 10 -14.59 -3.55 -4.08
N GLN B 11 -15.18 -4.38 -4.94
CA GLN B 11 -14.50 -5.58 -5.43
C GLN B 11 -13.23 -5.22 -6.22
N GLN B 12 -13.29 -4.09 -6.93
N GLN B 12 -13.30 -4.09 -6.92
CA GLN B 12 -12.15 -3.61 -7.69
CA GLN B 12 -12.18 -3.62 -7.71
C GLN B 12 -11.00 -3.26 -6.76
C GLN B 12 -11.00 -3.22 -6.80
N GLN B 13 -11.31 -2.48 -5.73
CA GLN B 13 -10.30 -2.08 -4.76
C GLN B 13 -9.72 -3.28 -4.01
N ILE B 14 -10.57 -4.27 -3.75
CA ILE B 14 -10.11 -5.49 -3.08
C ILE B 14 -9.03 -6.18 -3.92
N PHE B 15 -9.26 -6.28 -5.23
CA PHE B 15 -8.27 -6.86 -6.13
C PHE B 15 -7.00 -5.99 -6.24
N GLU B 16 -7.19 -4.69 -6.39
CA GLU B 16 -6.05 -3.75 -6.41
C GLU B 16 -5.17 -3.89 -5.17
N ASN B 17 -5.81 -3.95 -4.01
CA ASN B 17 -5.09 -4.06 -2.75
C ASN B 17 -4.38 -5.41 -2.64
N TRP B 18 -5.01 -6.48 -3.11
CA TRP B 18 -4.30 -7.75 -3.23
C TRP B 18 -3.02 -7.58 -4.04
N VAL B 19 -3.15 -6.99 -5.22
CA VAL B 19 -2.00 -6.82 -6.11
C VAL B 19 -0.92 -5.97 -5.43
N GLN B 20 -1.34 -4.88 -4.80
CA GLN B 20 -0.39 -3.97 -4.15
C GLN B 20 0.35 -4.67 -3.00
N ASN B 21 -0.42 -5.33 -2.13
CA ASN B 21 0.17 -5.99 -0.97
C ASN B 21 1.12 -7.09 -1.40
N ARG B 22 0.74 -7.84 -2.42
CA ARG B 22 1.60 -8.86 -2.98
C ARG B 22 2.88 -8.28 -3.60
N CYS B 23 2.76 -7.13 -4.28
CA CYS B 23 3.95 -6.45 -4.79
C CYS B 23 4.90 -6.07 -3.67
N ILE B 24 4.35 -5.49 -2.60
CA ILE B 24 5.15 -5.12 -1.43
C ILE B 24 5.92 -6.33 -0.92
N GLY B 25 5.26 -7.49 -0.89
CA GLY B 25 5.87 -8.72 -0.45
C GLY B 25 7.03 -9.13 -1.33
N LYS B 26 6.91 -8.88 -2.63
CA LYS B 26 7.97 -9.22 -3.57
C LYS B 26 9.18 -8.28 -3.51
N ILE B 27 8.97 -7.02 -3.15
CA ILE B 27 10.08 -6.06 -3.12
C ILE B 27 10.70 -5.86 -1.73
N ALA B 28 10.00 -6.33 -0.70
CA ALA B 28 10.47 -6.13 0.68
C ALA B 28 11.78 -6.89 0.91
N ASP B 29 12.78 -6.19 1.43
CA ASP B 29 14.05 -6.82 1.80
C ASP B 29 13.95 -7.10 3.28
N SER B 30 12.98 -7.96 3.62
CA SER B 30 12.61 -8.21 5.00
C SER B 30 11.70 -9.43 5.05
N LYS B 31 12.14 -10.46 5.76
CA LYS B 31 11.38 -11.68 5.88
C LYS B 31 10.08 -11.45 6.65
N SER B 32 10.15 -10.67 7.73
CA SER B 32 8.95 -10.40 8.53
C SER B 32 7.95 -9.57 7.72
N LEU B 33 8.46 -8.60 6.97
CA LEU B 33 7.57 -7.72 6.24
C LEU B 33 6.94 -8.47 5.07
N LYS B 34 7.71 -9.35 4.44
CA LYS B 34 7.17 -10.20 3.39
C LYS B 34 6.06 -11.11 3.90
N GLU B 35 6.26 -11.75 5.06
CA GLU B 35 5.22 -12.60 5.62
C GLU B 35 3.96 -11.78 5.95
N ASP B 36 4.16 -10.57 6.50
CA ASP B 36 3.05 -9.68 6.83
C ASP B 36 2.26 -9.28 5.56
N ALA B 37 2.99 -8.85 4.53
CA ALA B 37 2.38 -8.45 3.28
C ALA B 37 1.62 -9.61 2.60
N ASP B 38 2.17 -10.82 2.67
CA ASP B 38 1.49 -11.96 2.05
C ASP B 38 0.28 -12.43 2.88
N ALA B 39 0.35 -12.29 4.20
CA ALA B 39 -0.80 -12.61 5.04
C ALA B 39 -1.88 -11.57 4.78
N SER B 40 -1.45 -10.32 4.66
CA SER B 40 -2.37 -9.24 4.33
C SER B 40 -3.06 -9.48 2.99
N ALA B 41 -2.26 -9.83 1.98
CA ALA B 41 -2.79 -10.11 0.65
C ALA B 41 -3.83 -11.24 0.71
N ALA B 42 -3.59 -12.25 1.54
CA ALA B 42 -4.52 -13.38 1.62
C ALA B 42 -5.87 -12.97 2.22
N ALA B 43 -5.90 -11.86 2.95
CA ALA B 43 -7.18 -11.36 3.48
C ALA B 43 -8.00 -10.73 2.36
N TRP B 44 -7.33 -9.97 1.48
CA TRP B 44 -8.00 -9.42 0.31
C TRP B 44 -8.45 -10.56 -0.61
N LEU B 45 -7.64 -11.62 -0.70
CA LEU B 45 -7.99 -12.77 -1.53
C LEU B 45 -9.31 -13.36 -1.07
N GLU B 46 -9.44 -13.62 0.22
CA GLU B 46 -10.67 -14.20 0.77
C GLU B 46 -11.88 -13.30 0.47
N ALA B 47 -11.68 -11.99 0.55
CA ALA B 47 -12.76 -11.03 0.37
C ALA B 47 -13.19 -10.93 -1.09
N SER B 48 -12.25 -11.13 -2.00
CA SER B 48 -12.57 -11.08 -3.43
C SER B 48 -13.54 -12.18 -3.83
N ASN B 49 -14.31 -11.94 -4.88
CA ASN B 49 -15.13 -12.97 -5.50
C ASN B 49 -14.59 -13.48 -6.83
N LEU B 50 -13.39 -13.04 -7.19
CA LEU B 50 -12.79 -13.43 -8.46
C LEU B 50 -12.22 -14.86 -8.42
N PRO B 51 -12.21 -15.55 -9.58
CA PRO B 51 -11.62 -16.90 -9.66
C PRO B 51 -10.11 -16.88 -9.41
N ALA B 52 -9.57 -18.01 -8.97
CA ALA B 52 -8.15 -18.13 -8.69
C ALA B 52 -7.27 -17.69 -9.86
N GLU B 53 -7.69 -18.08 -11.06
CA GLU B 53 -6.94 -17.83 -12.30
C GLU B 53 -6.58 -16.35 -12.45
N ASN B 54 -7.48 -15.47 -12.03
CA ASN B 54 -7.21 -14.03 -12.11
C ASN B 54 -5.99 -13.65 -11.29
N PHE B 55 -5.88 -14.24 -10.10
CA PHE B 55 -4.77 -13.99 -9.21
C PHE B 55 -3.48 -14.62 -9.73
N GLU B 56 -3.59 -15.82 -10.30
CA GLU B 56 -2.45 -16.50 -10.88
C GLU B 56 -1.85 -15.68 -12.02
N LYS B 57 -2.69 -15.24 -12.94
CA LYS B 57 -2.22 -14.39 -14.04
C LYS B 57 -1.68 -13.05 -13.54
N ALA B 58 -2.35 -12.46 -12.56
CA ALA B 58 -1.92 -11.17 -11.99
C ALA B 58 -0.52 -11.27 -11.41
N ASP B 59 -0.21 -12.40 -10.78
CA ASP B 59 1.11 -12.61 -10.20
C ASP B 59 2.19 -12.58 -11.28
N GLU B 60 1.89 -13.14 -12.45
CA GLU B 60 2.82 -13.06 -13.58
C GLU B 60 2.99 -11.62 -14.04
N VAL B 61 1.89 -10.89 -14.14
CA VAL B 61 1.94 -9.49 -14.57
C VAL B 61 2.79 -8.70 -13.58
N ILE B 62 2.56 -8.95 -12.29
CA ILE B 62 3.35 -8.31 -11.24
C ILE B 62 4.86 -8.52 -11.43
N VAL B 63 5.28 -9.77 -11.62
CA VAL B 63 6.71 -10.08 -11.75
C VAL B 63 7.32 -9.33 -12.95
N SER B 64 6.55 -9.25 -14.04
CA SER B 64 7.00 -8.56 -15.24
C SER B 64 7.08 -7.04 -15.04
N LEU B 65 6.05 -6.45 -14.43
CA LEU B 65 6.03 -4.99 -14.26
C LEU B 65 7.04 -4.50 -13.21
N LEU B 66 7.29 -5.32 -12.18
CA LEU B 66 8.25 -4.97 -11.14
C LEU B 66 9.65 -4.70 -11.71
N LYS B 67 9.94 -5.26 -12.88
CA LYS B 67 11.23 -5.05 -13.52
C LYS B 67 11.43 -3.62 -14.03
N GLN B 68 10.33 -2.90 -14.22
CA GLN B 68 10.42 -1.51 -14.66
C GLN B 68 11.14 -0.69 -13.58
N LYS B 69 12.06 0.16 -14.00
CA LYS B 69 12.79 1.00 -13.06
C LYS B 69 12.21 2.41 -13.03
N VAL B 70 11.88 2.90 -11.84
CA VAL B 70 11.42 4.27 -11.69
C VAL B 70 12.29 4.99 -10.68
N GLY B 71 12.20 6.32 -10.66
CA GLY B 71 13.02 7.10 -9.76
C GLY B 71 12.40 8.44 -9.40
N GLY B 72 13.15 9.24 -8.67
CA GLY B 72 12.70 10.53 -8.17
C GLY B 72 13.91 11.27 -7.66
N THR B 73 13.70 12.38 -6.94
CA THR B 73 14.82 13.18 -6.45
C THR B 73 15.57 12.46 -5.33
N GLU B 74 14.92 11.50 -4.68
CA GLU B 74 15.58 10.72 -3.63
C GLU B 74 16.35 9.57 -4.29
N PRO B 75 17.38 9.04 -3.59
CA PRO B 75 18.23 8.07 -4.28
C PRO B 75 17.64 6.66 -4.41
N GLY B 76 16.55 6.37 -3.70
CA GLY B 76 15.97 5.03 -3.78
C GLY B 76 15.26 4.70 -5.09
N HIS B 77 14.56 3.56 -5.11
CA HIS B 77 13.95 3.09 -6.35
C HIS B 77 12.42 3.25 -6.35
N TYR B 78 11.87 3.93 -5.35
CA TYR B 78 10.43 4.23 -5.32
C TYR B 78 9.54 3.00 -5.59
N GLN B 79 9.96 1.85 -5.08
CA GLN B 79 9.22 0.60 -5.27
C GLN B 79 7.83 0.61 -4.61
N ILE B 80 7.72 1.27 -3.46
CA ILE B 80 6.44 1.31 -2.76
C ILE B 80 5.41 2.03 -3.62
N LEU B 81 5.82 3.14 -4.23
CA LEU B 81 4.95 3.83 -5.16
C LEU B 81 4.67 2.93 -6.36
N LYS B 82 5.70 2.28 -6.88
CA LYS B 82 5.54 1.37 -8.02
C LYS B 82 4.49 0.28 -7.76
N CYS B 83 4.47 -0.25 -6.53
CA CYS B 83 3.45 -1.25 -6.18
C CYS B 83 2.02 -0.71 -6.44
N THR B 84 1.79 0.57 -6.16
CA THR B 84 0.47 1.14 -6.41
C THR B 84 0.25 1.35 -7.92
N LEU B 85 1.30 1.79 -8.61
CA LEU B 85 1.19 1.99 -10.07
C LEU B 85 0.82 0.68 -10.74
N ILE B 86 1.46 -0.40 -10.28
CA ILE B 86 1.20 -1.72 -10.84
C ILE B 86 -0.24 -2.17 -10.57
N ALA B 87 -0.71 -1.97 -9.34
CA ALA B 87 -2.08 -2.36 -8.97
C ALA B 87 -3.12 -1.67 -9.86
N ASN B 88 -2.80 -0.46 -10.30
CA ASN B 88 -3.73 0.34 -11.09
C ASN B 88 -3.37 0.42 -12.57
N SER B 89 -2.53 -0.51 -13.03
CA SER B 89 -2.08 -0.48 -14.40
C SER B 89 -3.08 -1.10 -15.37
N ASP B 90 -2.98 -0.73 -16.64
CA ASP B 90 -3.78 -1.33 -17.71
C ASP B 90 -3.51 -2.84 -17.82
N ALA B 91 -2.28 -3.25 -17.56
CA ALA B 91 -1.94 -4.67 -17.66
C ALA B 91 -2.69 -5.52 -16.63
N ILE B 92 -2.95 -4.96 -15.46
CA ILE B 92 -3.67 -5.68 -14.40
C ILE B 92 -5.19 -5.59 -14.62
N ARG B 93 -5.62 -4.51 -15.29
CA ARG B 93 -7.04 -4.16 -15.38
C ARG B 93 -8.02 -5.27 -15.84
N PRO B 94 -7.69 -5.99 -16.93
CA PRO B 94 -8.68 -6.99 -17.32
C PRO B 94 -8.83 -8.14 -16.31
N LEU B 95 -7.84 -8.35 -15.46
CA LEU B 95 -7.91 -9.39 -14.45
C LEU B 95 -8.88 -9.00 -13.32
N LYS B 96 -9.41 -7.78 -13.37
CA LYS B 96 -10.44 -7.35 -12.42
C LYS B 96 -11.83 -7.88 -12.79
N SER B 97 -11.95 -8.47 -13.98
CA SER B 97 -13.22 -9.03 -14.43
C SER B 97 -13.15 -10.55 -14.43
N SER B 98 -14.27 -11.20 -14.14
CA SER B 98 -14.35 -12.65 -14.22
C SER B 98 -14.69 -13.06 -15.66
N MET C 17 12.29 44.78 -11.41
CA MET C 17 11.43 44.11 -10.45
C MET C 17 11.99 42.73 -10.08
N ARG C 18 13.31 42.58 -10.15
CA ARG C 18 13.96 41.29 -9.90
C ARG C 18 15.06 41.40 -8.86
N PRO C 19 15.27 40.33 -8.09
CA PRO C 19 16.31 40.37 -7.08
C PRO C 19 17.71 40.48 -7.71
N ALA C 20 18.63 41.10 -6.98
CA ALA C 20 20.01 41.21 -7.44
C ALA C 20 20.64 39.82 -7.38
N PHE C 21 21.51 39.53 -8.34
CA PHE C 21 22.11 38.20 -8.42
C PHE C 21 22.98 37.88 -7.23
N GLY C 22 23.83 38.82 -6.85
CA GLY C 22 24.75 38.65 -5.72
C GLY C 22 24.04 38.29 -4.43
N ALA C 23 22.96 39.01 -4.12
CA ALA C 23 22.18 38.74 -2.92
C ALA C 23 21.51 37.36 -2.98
N ALA C 24 20.91 37.06 -4.13
CA ALA C 24 20.28 35.74 -4.35
C ALA C 24 21.28 34.62 -4.15
N TRP C 25 22.45 34.74 -4.77
CA TRP C 25 23.49 33.73 -4.63
C TRP C 25 23.89 33.57 -3.16
N ASN C 26 24.06 34.68 -2.46
CA ASN C 26 24.42 34.63 -1.04
C ASN C 26 23.34 33.96 -0.18
N ARG C 27 22.07 34.31 -0.41
CA ARG C 27 20.98 33.66 0.31
C ARG C 27 20.94 32.17 0.02
N PHE C 28 21.07 31.78 -1.25
CA PHE C 28 21.01 30.36 -1.58
C PHE C 28 22.11 29.57 -0.87
N LYS C 29 23.31 30.14 -0.83
CA LYS C 29 24.41 29.48 -0.13
C LYS C 29 24.03 29.08 1.29
N GLU C 30 23.32 29.97 1.98
CA GLU C 30 22.91 29.74 3.37
C GLU C 30 21.98 28.53 3.53
N VAL C 31 21.26 28.18 2.47
CA VAL C 31 20.38 27.02 2.51
C VAL C 31 20.84 25.89 1.61
N ASN C 32 22.06 26.00 1.08
CA ASN C 32 22.62 24.95 0.24
C ASN C 32 23.14 23.80 1.12
N VAL C 33 22.23 23.23 1.90
CA VAL C 33 22.55 22.14 2.82
C VAL C 33 21.44 21.10 2.74
N ASN C 34 21.61 19.96 3.39
CA ASN C 34 20.57 18.92 3.31
C ASN C 34 19.28 19.38 3.95
N VAL C 35 18.18 18.65 3.71
CA VAL C 35 16.87 19.13 4.11
C VAL C 35 16.73 19.27 5.64
N GLU C 36 17.36 18.37 6.40
CA GLU C 36 17.36 18.49 7.85
C GLU C 36 17.98 19.81 8.29
N GLN C 37 19.11 20.17 7.68
CA GLN C 37 19.79 21.42 8.03
C GLN C 37 19.02 22.65 7.56
N VAL C 38 18.33 22.54 6.43
CA VAL C 38 17.42 23.60 6.01
C VAL C 38 16.38 23.85 7.10
N GLY C 39 15.83 22.77 7.64
CA GLY C 39 14.86 22.86 8.72
C GLY C 39 15.42 23.49 9.98
N LYS C 40 16.62 23.08 10.36
CA LYS C 40 17.28 23.69 11.51
C LYS C 40 17.42 25.20 11.34
N LEU C 41 17.75 25.65 10.13
CA LEU C 41 17.87 27.09 9.88
C LEU C 41 16.52 27.80 9.96
N LEU C 42 15.51 27.25 9.30
CA LEU C 42 14.25 27.98 9.15
C LEU C 42 13.32 27.89 10.37
N GLY C 43 13.40 26.79 11.11
CA GLY C 43 12.57 26.59 12.29
C GLY C 43 11.09 26.54 11.95
N GLY C 44 10.26 26.65 12.98
CA GLY C 44 8.82 26.78 12.82
C GLY C 44 8.12 25.56 12.22
N LYS C 45 7.07 25.82 11.43
CA LYS C 45 6.33 24.76 10.77
C LYS C 45 7.18 24.04 9.72
N VAL C 46 8.03 24.81 9.02
CA VAL C 46 8.95 24.23 8.05
C VAL C 46 9.79 23.12 8.69
N GLN C 47 10.42 23.44 9.82
CA GLN C 47 11.23 22.46 10.54
C GLN C 47 10.42 21.27 11.05
N HIS C 48 9.24 21.55 11.59
CA HIS C 48 8.37 20.50 12.12
C HIS C 48 8.07 19.45 11.04
N ASN C 49 7.67 19.91 9.87
CA ASN C 49 7.30 18.99 8.78
C ASN C 49 8.50 18.27 8.18
N ILE C 50 9.66 18.94 8.15
CA ILE C 50 10.90 18.29 7.73
C ILE C 50 11.31 17.23 8.74
N ASP C 51 11.26 17.57 10.04
CA ASP C 51 11.67 16.61 11.08
C ASP C 51 10.74 15.40 11.13
N ALA C 52 9.47 15.58 10.80
CA ALA C 52 8.53 14.47 10.76
C ALA C 52 8.77 13.57 9.54
N GLY C 53 9.56 14.06 8.58
CA GLY C 53 9.81 13.29 7.37
C GLY C 53 8.78 13.54 6.27
N ILE C 54 7.86 14.46 6.53
CA ILE C 54 6.82 14.77 5.54
C ILE C 54 7.34 15.60 4.36
N PHE C 55 8.15 16.63 4.65
CA PHE C 55 8.83 17.38 3.59
C PHE C 55 10.18 16.76 3.31
N LYS C 56 10.37 16.24 2.10
CA LYS C 56 11.65 15.65 1.72
C LYS C 56 12.39 16.56 0.76
N ASN C 57 11.64 17.18 -0.15
CA ASN C 57 12.24 17.94 -1.25
C ASN C 57 12.46 19.38 -0.84
N ALA C 58 13.71 19.73 -0.58
CA ALA C 58 14.05 21.04 -0.06
C ALA C 58 14.08 22.12 -1.15
N CYS C 59 13.98 21.70 -2.42
CA CYS C 59 14.13 22.64 -3.53
C CYS C 59 13.21 23.88 -3.47
N PRO C 60 11.88 23.68 -3.36
CA PRO C 60 11.04 24.89 -3.34
C PRO C 60 11.22 25.69 -2.06
N ILE C 61 11.66 25.02 -1.01
CA ILE C 61 11.86 25.68 0.28
C ILE C 61 13.09 26.59 0.23
N ARG C 62 14.15 26.13 -0.42
CA ARG C 62 15.36 26.94 -0.58
C ARG C 62 15.06 28.20 -1.37
N MET C 63 14.37 28.06 -2.50
CA MET C 63 14.06 29.21 -3.33
C MET C 63 13.09 30.16 -2.63
N SER C 64 12.19 29.62 -1.80
CA SER C 64 11.32 30.47 -0.98
C SER C 64 12.15 31.35 -0.04
N TYR C 65 13.22 30.78 0.52
CA TYR C 65 14.11 31.53 1.41
C TYR C 65 14.78 32.67 0.64
N VAL C 66 15.32 32.34 -0.53
CA VAL C 66 15.96 33.33 -1.40
C VAL C 66 15.03 34.50 -1.73
N LEU C 67 13.83 34.18 -2.19
CA LEU C 67 12.85 35.18 -2.58
C LEU C 67 12.40 36.01 -1.37
N ASN C 68 12.13 35.34 -0.25
CA ASN C 68 11.74 36.05 0.97
C ASN C 68 12.75 37.10 1.41
N TYR C 69 14.03 36.83 1.16
CA TYR C 69 15.08 37.73 1.63
C TYR C 69 15.75 38.57 0.53
N CYS C 70 15.15 38.56 -0.66
CA CYS C 70 15.60 39.39 -1.78
C CYS C 70 14.45 40.23 -2.34
N GLY C 71 13.47 40.54 -1.49
CA GLY C 71 12.43 41.50 -1.84
C GLY C 71 11.24 40.95 -2.59
N ILE C 72 11.13 39.64 -2.66
CA ILE C 72 9.93 39.02 -3.24
C ILE C 72 9.29 38.03 -2.26
N PRO C 73 8.59 38.55 -1.23
CA PRO C 73 7.99 37.73 -0.18
C PRO C 73 7.04 36.68 -0.77
N VAL C 74 7.18 35.43 -0.33
CA VAL C 74 6.23 34.40 -0.73
C VAL C 74 4.88 34.79 -0.14
N PRO C 75 3.86 34.91 -1.00
CA PRO C 75 2.58 35.49 -0.60
C PRO C 75 1.70 34.48 0.12
N SER C 76 0.63 34.96 0.74
CA SER C 76 -0.48 34.10 1.11
C SER C 76 -1.46 34.10 -0.06
N ASN C 77 -1.48 32.99 -0.81
CA ASN C 77 -2.32 32.86 -1.98
C ASN C 77 -2.79 31.41 -2.07
N SER C 78 -4.07 31.21 -2.40
CA SER C 78 -4.65 29.86 -2.43
C SER C 78 -3.93 28.98 -3.45
N LYS C 79 -3.40 29.62 -4.50
CA LYS C 79 -2.71 28.89 -5.55
C LYS C 79 -1.48 28.15 -5.05
N TYR C 80 -0.79 28.69 -4.06
CA TYR C 80 0.48 28.12 -3.63
C TYR C 80 0.48 27.71 -2.17
N ALA C 81 0.54 26.40 -1.92
CA ALA C 81 0.51 25.89 -0.55
C ALA C 81 1.81 26.25 0.17
N THR C 82 1.68 26.83 1.37
CA THR C 82 2.84 27.26 2.13
C THR C 82 2.72 26.91 3.60
N VAL C 83 3.87 26.88 4.28
CA VAL C 83 3.91 26.88 5.75
C VAL C 83 4.87 27.98 6.21
N THR C 84 4.80 28.34 7.49
CA THR C 84 5.66 29.42 7.99
C THR C 84 6.94 28.89 8.60
N GLY C 85 8.01 29.66 8.48
CA GLY C 85 9.23 29.36 9.23
C GLY C 85 9.13 30.08 10.57
N SER C 86 10.16 29.95 11.40
CA SER C 86 10.15 30.72 12.65
C SER C 86 10.21 32.23 12.39
N ASP C 87 10.60 32.62 11.16
CA ASP C 87 10.63 34.02 10.78
C ASP C 87 9.24 34.57 10.47
N LYS C 88 8.23 33.69 10.58
CA LYS C 88 6.85 34.03 10.24
C LYS C 88 6.67 34.40 8.77
N LYS C 89 7.64 34.07 7.93
CA LYS C 89 7.45 34.21 6.49
C LYS C 89 7.01 32.88 5.90
N ARG C 90 6.60 32.88 4.63
CA ARG C 90 6.01 31.69 4.02
C ARG C 90 6.97 30.95 3.10
N TYR C 91 6.84 29.63 3.11
CA TYR C 91 7.70 28.75 2.35
C TYR C 91 6.82 27.76 1.57
N MET C 92 7.03 27.68 0.26
CA MET C 92 6.37 26.66 -0.55
C MET C 92 7.06 25.32 -0.37
N PHE C 93 6.28 24.24 -0.36
CA PHE C 93 6.86 22.91 -0.20
C PHE C 93 6.64 22.03 -1.44
N ARG C 94 5.95 22.58 -2.45
CA ARG C 94 5.74 21.86 -3.70
C ARG C 94 6.51 22.54 -4.81
N VAL C 95 7.34 21.79 -5.52
CA VAL C 95 8.16 22.41 -6.55
C VAL C 95 7.30 22.92 -7.71
N LYS C 96 6.15 22.26 -7.94
CA LYS C 96 5.26 22.70 -9.02
C LYS C 96 4.68 24.09 -8.73
N ASP C 97 4.50 24.41 -7.45
CA ASP C 97 4.00 25.73 -7.06
C ASP C 97 5.07 26.80 -7.26
N MET C 98 6.32 26.50 -6.89
CA MET C 98 7.42 27.43 -7.10
C MET C 98 7.62 27.70 -8.59
N ILE C 99 7.44 26.66 -9.40
CA ILE C 99 7.59 26.80 -10.84
C ILE C 99 6.50 27.71 -11.40
N ALA C 100 5.27 27.54 -10.94
CA ALA C 100 4.16 28.35 -11.41
C ALA C 100 4.25 29.77 -10.88
N PHE C 101 4.82 29.93 -9.68
CA PHE C 101 4.88 31.24 -9.02
C PHE C 101 5.84 32.21 -9.71
N LEU C 102 6.99 31.70 -10.12
CA LEU C 102 8.08 32.57 -10.58
C LEU C 102 7.72 33.54 -11.72
N PRO C 103 7.08 33.05 -12.80
CA PRO C 103 6.75 34.02 -13.84
C PRO C 103 5.74 35.10 -13.41
N THR C 104 4.92 34.84 -12.38
CA THR C 104 3.97 35.86 -11.91
C THR C 104 4.65 37.02 -11.18
N VAL C 105 5.85 36.79 -10.65
CA VAL C 105 6.58 37.87 -9.97
C VAL C 105 7.84 38.34 -10.71
N LEU C 106 8.34 37.53 -11.64
CA LEU C 106 9.53 37.91 -12.40
C LEU C 106 9.18 38.37 -13.82
N GLY C 107 7.94 38.13 -14.23
CA GLY C 107 7.53 38.44 -15.59
C GLY C 107 7.89 37.31 -16.54
N LYS C 108 7.73 37.55 -17.84
CA LYS C 108 8.04 36.55 -18.86
C LYS C 108 9.52 36.15 -18.80
N ALA C 109 9.80 34.86 -18.97
CA ALA C 109 11.18 34.38 -18.92
C ALA C 109 11.99 35.02 -20.03
N ASP C 110 13.28 35.26 -19.77
CA ASP C 110 14.17 35.76 -20.80
C ASP C 110 14.50 34.66 -21.81
N ILE C 111 14.64 33.44 -21.31
CA ILE C 111 14.99 32.30 -22.16
C ILE C 111 14.15 31.08 -21.81
N SER C 112 13.58 30.45 -22.84
CA SER C 112 12.87 29.20 -22.68
C SER C 112 13.25 28.28 -23.83
N VAL C 113 13.97 27.21 -23.52
CA VAL C 113 14.47 26.32 -24.57
C VAL C 113 14.18 24.86 -24.25
N SER C 114 13.88 24.08 -25.28
CA SER C 114 13.68 22.65 -25.08
C SER C 114 15.03 21.93 -25.14
N SER C 115 15.09 20.73 -24.60
CA SER C 115 16.33 19.94 -24.56
C SER C 115 17.55 20.75 -24.10
N PRO C 116 17.47 21.38 -22.92
CA PRO C 116 18.44 22.38 -22.48
C PRO C 116 19.89 21.89 -22.33
N THR C 117 20.83 22.66 -22.88
CA THR C 117 22.27 22.44 -22.67
C THR C 117 22.93 23.70 -22.12
N PRO C 118 24.07 23.54 -21.42
CA PRO C 118 24.68 24.70 -20.75
C PRO C 118 25.11 25.83 -21.69
N ALA C 119 25.54 25.52 -22.90
CA ALA C 119 25.98 26.54 -23.85
C ALA C 119 24.87 27.56 -24.12
N GLN C 120 23.63 27.11 -24.01
CA GLN C 120 22.49 27.99 -24.24
C GLN C 120 22.38 29.07 -23.18
N PHE C 121 23.14 28.93 -22.10
CA PHE C 121 23.10 29.88 -21.00
C PHE C 121 24.47 30.46 -20.65
N ALA C 122 25.41 30.35 -21.57
CA ALA C 122 26.74 30.95 -21.37
C ALA C 122 26.63 32.46 -21.25
N GLY C 123 27.41 33.03 -20.33
CA GLY C 123 27.44 34.48 -20.15
C GLY C 123 26.21 35.07 -19.51
N LYS C 124 25.38 34.21 -18.90
CA LYS C 124 24.14 34.65 -18.30
C LYS C 124 24.14 34.25 -16.84
N GLN C 125 23.45 35.03 -16.00
CA GLN C 125 23.35 34.71 -14.57
C GLN C 125 21.93 35.01 -14.09
N GLY C 126 21.37 34.12 -13.27
CA GLY C 126 20.03 34.33 -12.76
C GLY C 126 19.38 33.09 -12.18
N ILE C 127 18.05 33.05 -12.28
CA ILE C 127 17.24 31.94 -11.79
C ILE C 127 16.89 31.00 -12.95
N ILE C 128 17.11 29.70 -12.76
CA ILE C 128 16.84 28.74 -13.82
C ILE C 128 15.91 27.63 -13.34
N ILE C 129 15.02 27.19 -14.23
CA ILE C 129 14.13 26.08 -13.94
C ILE C 129 14.38 25.01 -14.98
N PHE C 130 14.71 23.81 -14.52
CA PHE C 130 14.82 22.66 -15.42
C PHE C 130 13.54 21.86 -15.24
N THR C 131 12.80 21.61 -16.32
CA THR C 131 11.62 20.76 -16.22
C THR C 131 11.79 19.52 -17.10
N GLY C 132 11.06 18.44 -16.78
CA GLY C 132 11.16 17.23 -17.55
C GLY C 132 10.44 16.07 -16.88
N HIS C 133 10.57 14.88 -17.46
CA HIS C 133 9.88 13.71 -16.92
C HIS C 133 10.88 12.72 -16.33
N GLY C 134 10.39 11.82 -15.49
CA GLY C 134 11.23 10.79 -14.92
C GLY C 134 11.45 10.83 -13.42
N TRP C 135 11.19 11.99 -12.78
CA TRP C 135 11.17 12.07 -11.32
C TRP C 135 9.73 11.95 -10.87
N LEU C 136 9.40 10.90 -10.14
CA LEU C 136 8.02 10.66 -9.74
C LEU C 136 7.52 11.76 -8.81
N ASP C 137 8.44 12.33 -8.04
CA ASP C 137 8.07 13.29 -7.00
C ASP C 137 8.24 14.75 -7.42
N ALA C 138 8.72 14.99 -8.64
CA ALA C 138 9.02 16.36 -9.03
C ALA C 138 9.02 16.60 -10.54
N THR C 139 8.26 17.61 -10.98
CA THR C 139 8.21 17.94 -12.41
C THR C 139 9.45 18.72 -12.86
N GLY C 140 10.27 19.16 -11.91
CA GLY C 140 11.52 19.83 -12.24
C GLY C 140 12.34 20.29 -11.05
N HIS C 141 13.34 21.13 -11.32
CA HIS C 141 14.25 21.61 -10.30
C HIS C 141 14.47 23.10 -10.50
N VAL C 142 14.42 23.86 -9.41
CA VAL C 142 14.56 25.31 -9.47
C VAL C 142 15.82 25.74 -8.73
N THR C 143 16.66 26.55 -9.38
CA THR C 143 17.94 26.90 -8.77
C THR C 143 18.53 28.17 -9.40
N LEU C 144 19.75 28.52 -9.01
CA LEU C 144 20.41 29.68 -9.60
C LEU C 144 21.53 29.19 -10.52
N TRP C 145 21.88 30.01 -11.51
CA TRP C 145 22.93 29.71 -12.48
C TRP C 145 23.82 30.95 -12.61
N ASN C 146 25.14 30.77 -12.52
CA ASN C 146 26.03 31.93 -12.57
C ASN C 146 26.77 32.11 -13.90
N GLY C 147 26.42 31.30 -14.89
CA GLY C 147 27.12 31.32 -16.17
C GLY C 147 28.02 30.13 -16.34
N ASN C 148 28.40 29.50 -15.23
CA ASN C 148 29.28 28.33 -15.26
C ASN C 148 28.70 27.12 -14.51
N ILE C 149 28.12 27.38 -13.34
CA ILE C 149 27.58 26.31 -12.48
C ILE C 149 26.23 26.74 -11.88
N CYS C 150 25.47 25.78 -11.39
CA CYS C 150 24.28 26.10 -10.62
C CYS C 150 24.62 26.21 -9.13
N SER C 151 23.76 26.87 -8.38
CA SER C 151 24.00 27.08 -6.95
C SER C 151 23.95 25.77 -6.16
N ASP C 152 23.24 24.78 -6.69
CA ASP C 152 23.36 23.43 -6.12
C ASP C 152 23.75 22.37 -7.15
N ASP C 153 22.81 21.97 -8.01
CA ASP C 153 23.10 21.03 -9.06
C ASP C 153 22.33 21.43 -10.30
N CYS C 154 22.96 21.29 -11.46
CA CYS C 154 22.27 21.58 -12.71
C CYS C 154 21.58 20.31 -13.22
N HIS C 155 20.58 20.48 -14.07
CA HIS C 155 19.91 19.33 -14.67
C HIS C 155 19.69 19.59 -16.15
N PHE C 156 20.79 19.93 -16.82
CA PHE C 156 20.83 19.99 -18.27
C PHE C 156 20.88 18.57 -18.81
N LEU C 157 20.67 18.42 -20.12
CA LEU C 157 20.99 17.17 -20.81
C LEU C 157 22.40 16.78 -20.42
N GLY C 158 22.58 15.56 -19.92
CA GLY C 158 23.90 15.08 -19.58
C GLY C 158 24.45 15.46 -18.20
N SER C 159 23.75 16.33 -17.45
CA SER C 159 24.17 16.63 -16.07
C SER C 159 24.23 15.33 -15.29
N PRO C 160 25.31 15.14 -14.51
CA PRO C 160 25.58 13.87 -13.82
C PRO C 160 24.56 13.54 -12.74
N GLY C 161 23.81 14.53 -12.29
CA GLY C 161 22.89 14.33 -11.17
C GLY C 161 21.46 14.01 -11.56
N ASN C 162 21.21 13.80 -12.84
CA ASN C 162 19.84 13.61 -13.33
C ASN C 162 19.14 12.35 -12.80
N GLY C 163 19.88 11.26 -12.62
CA GLY C 163 19.25 9.99 -12.31
C GLY C 163 18.21 9.66 -13.38
N SER C 164 16.97 9.45 -12.96
CA SER C 164 15.91 9.10 -13.91
C SER C 164 15.24 10.31 -14.57
N PHE C 165 15.69 11.51 -14.22
CA PHE C 165 15.13 12.75 -14.76
C PHE C 165 15.64 12.98 -16.17
N ILE C 166 14.71 13.23 -17.10
CA ILE C 166 15.05 13.57 -18.47
C ILE C 166 14.61 15.01 -18.73
N PRO C 167 15.57 15.94 -18.81
CA PRO C 167 15.26 17.36 -19.00
C PRO C 167 14.57 17.58 -20.34
N THR C 168 13.42 18.27 -20.35
CA THR C 168 12.80 18.63 -21.63
C THR C 168 12.77 20.15 -21.88
N ASN C 169 12.91 20.93 -20.82
CA ASN C 169 12.93 22.40 -20.96
C ASN C 169 13.71 23.09 -19.85
N ALA C 170 14.36 24.21 -20.20
CA ALA C 170 14.89 25.11 -19.18
C ALA C 170 14.33 26.49 -19.43
N THR C 171 13.89 27.11 -18.34
CA THR C 171 13.30 28.44 -18.36
C THR C 171 14.15 29.29 -17.41
N PHE C 172 14.41 30.54 -17.78
CA PHE C 172 15.47 31.32 -17.14
C PHE C 172 15.16 32.83 -17.12
N TRP C 173 15.53 33.48 -16.01
CA TRP C 173 15.42 34.92 -15.85
C TRP C 173 16.75 35.49 -15.41
N SER C 174 17.28 36.45 -16.18
CA SER C 174 18.50 37.15 -15.80
C SER C 174 18.31 37.95 -14.51
N LEU C 175 19.34 37.94 -13.65
CA LEU C 175 19.40 38.84 -12.49
C LEU C 175 20.69 39.67 -12.60
N LYS C 176 20.62 40.96 -12.27
CA LYS C 176 21.77 41.84 -12.42
C LYS C 176 22.79 41.75 -11.27
N THR D 2 3.46 -0.63 -19.46
CA THR D 2 3.56 0.78 -19.08
C THR D 2 2.76 1.03 -17.79
N LEU D 3 3.36 1.79 -16.87
CA LEU D 3 2.71 2.14 -15.62
C LEU D 3 1.95 3.45 -15.78
N PRO D 4 0.81 3.60 -15.08
CA PRO D 4 0.04 4.85 -15.16
C PRO D 4 0.77 6.02 -14.49
N ASP D 5 0.57 7.23 -15.01
CA ASP D 5 1.12 8.42 -14.37
C ASP D 5 0.34 8.71 -13.08
N ILE D 6 0.99 9.36 -12.12
CA ILE D 6 0.33 9.73 -10.86
C ILE D 6 -0.87 10.64 -11.13
N SER D 7 -0.79 11.45 -12.19
CA SER D 7 -1.88 12.37 -12.54
C SER D 7 -3.19 11.65 -12.91
N THR D 8 -3.13 10.34 -13.19
CA THR D 8 -4.36 9.61 -13.56
C THR D 8 -5.16 9.19 -12.33
N PHE D 9 -4.59 9.36 -11.14
CA PHE D 9 -5.32 9.06 -9.92
C PHE D 9 -6.20 10.24 -9.52
N SER D 10 -7.23 9.98 -8.72
CA SER D 10 -8.04 11.07 -8.17
C SER D 10 -7.29 11.73 -7.02
N GLN D 11 -7.66 12.96 -6.67
CA GLN D 11 -7.07 13.65 -5.53
C GLN D 11 -7.28 12.90 -4.21
N GLN D 12 -8.45 12.26 -4.08
CA GLN D 12 -8.72 11.45 -2.90
C GLN D 12 -7.75 10.26 -2.80
N GLN D 13 -7.61 9.54 -3.92
CA GLN D 13 -6.71 8.39 -3.97
C GLN D 13 -5.26 8.81 -3.70
N ILE D 14 -4.88 9.96 -4.23
CA ILE D 14 -3.55 10.50 -4.00
C ILE D 14 -3.30 10.72 -2.49
N PHE D 15 -4.30 11.24 -1.77
CA PHE D 15 -4.15 11.43 -0.32
C PHE D 15 -4.15 10.10 0.43
N GLU D 16 -5.03 9.19 0.03
CA GLU D 16 -5.09 7.86 0.64
C GLU D 16 -3.75 7.14 0.50
N ASN D 17 -3.17 7.25 -0.69
CA ASN D 17 -1.88 6.61 -0.94
C ASN D 17 -0.75 7.25 -0.14
N TRP D 18 -0.81 8.56 0.06
CA TRP D 18 0.16 9.21 0.93
C TRP D 18 0.05 8.61 2.32
N VAL D 19 -1.17 8.52 2.84
CA VAL D 19 -1.38 7.95 4.15
C VAL D 19 -0.90 6.51 4.25
N GLN D 20 -1.17 5.69 3.22
CA GLN D 20 -0.77 4.29 3.27
C GLN D 20 0.75 4.19 3.24
N ASN D 21 1.37 4.92 2.34
CA ASN D 21 2.83 4.93 2.25
C ASN D 21 3.49 5.38 3.58
N ARG D 22 3.01 6.47 4.17
CA ARG D 22 3.53 6.95 5.46
C ARG D 22 3.37 5.89 6.54
N CYS D 23 2.20 5.25 6.55
CA CYS D 23 1.96 4.15 7.49
C CYS D 23 3.00 3.05 7.30
N ILE D 24 3.22 2.65 6.05
CA ILE D 24 4.23 1.63 5.77
C ILE D 24 5.59 2.06 6.31
N GLY D 25 5.94 3.33 6.10
CA GLY D 25 7.21 3.86 6.56
C GLY D 25 7.38 3.78 8.07
N LYS D 26 6.26 3.81 8.80
CA LYS D 26 6.32 3.74 10.26
C LYS D 26 6.36 2.31 10.80
N ILE D 27 5.92 1.33 10.00
CA ILE D 27 5.89 -0.07 10.50
C ILE D 27 7.00 -0.96 9.92
N ALA D 28 7.65 -0.50 8.87
CA ALA D 28 8.68 -1.30 8.19
C ALA D 28 9.90 -1.47 9.11
N ASP D 29 10.45 -2.68 9.16
CA ASP D 29 11.68 -2.88 9.91
C ASP D 29 12.90 -2.49 9.08
N SER D 30 12.81 -2.72 7.78
CA SER D 30 13.92 -2.45 6.88
C SER D 30 14.21 -0.96 6.71
N LYS D 31 15.48 -0.59 6.81
CA LYS D 31 15.88 0.80 6.61
C LYS D 31 15.63 1.22 5.16
N SER D 32 15.98 0.34 4.24
CA SER D 32 15.78 0.60 2.82
C SER D 32 14.29 0.74 2.49
N LEU D 33 13.45 -0.06 3.13
CA LEU D 33 12.02 0.01 2.83
C LEU D 33 11.37 1.25 3.44
N LYS D 34 11.77 1.62 4.65
CA LYS D 34 11.29 2.86 5.26
C LYS D 34 11.60 4.08 4.39
N GLU D 35 12.84 4.17 3.90
CA GLU D 35 13.24 5.28 3.05
C GLU D 35 12.41 5.33 1.76
N ASP D 36 12.23 4.16 1.16
CA ASP D 36 11.49 4.05 -0.09
C ASP D 36 10.04 4.49 0.17
N ALA D 37 9.48 4.03 1.29
CA ALA D 37 8.10 4.35 1.64
C ALA D 37 7.91 5.85 1.86
N ASP D 38 8.85 6.48 2.56
CA ASP D 38 8.74 7.92 2.80
C ASP D 38 9.06 8.74 1.57
N ALA D 39 9.94 8.22 0.70
CA ALA D 39 10.19 8.91 -0.56
C ALA D 39 8.94 8.82 -1.41
N SER D 40 8.34 7.62 -1.45
CA SER D 40 7.12 7.40 -2.20
C SER D 40 6.02 8.33 -1.72
N ALA D 41 5.87 8.44 -0.41
CA ALA D 41 4.89 9.36 0.17
C ALA D 41 5.11 10.80 -0.30
N ALA D 42 6.37 11.26 -0.27
CA ALA D 42 6.65 12.63 -0.68
C ALA D 42 6.23 12.87 -2.12
N ALA D 43 6.18 11.82 -2.93
CA ALA D 43 5.71 11.98 -4.30
C ALA D 43 4.20 12.18 -4.35
N TRP D 44 3.45 11.43 -3.52
CA TRP D 44 2.01 11.67 -3.45
C TRP D 44 1.75 13.07 -2.90
N LEU D 45 2.56 13.47 -1.92
CA LEU D 45 2.42 14.81 -1.32
C LEU D 45 2.49 15.90 -2.38
N GLU D 46 3.50 15.81 -3.25
CA GLU D 46 3.66 16.80 -4.34
C GLU D 46 2.46 16.80 -5.29
N ALA D 47 1.92 15.62 -5.60
CA ALA D 47 0.81 15.52 -6.55
C ALA D 47 -0.53 16.02 -5.98
N SER D 48 -0.67 15.93 -4.66
CA SER D 48 -1.87 16.43 -3.98
C SER D 48 -1.97 17.95 -4.09
N ASN D 49 -3.19 18.47 -3.99
CA ASN D 49 -3.38 19.92 -3.93
C ASN D 49 -3.80 20.42 -2.54
N LEU D 50 -3.81 19.52 -1.56
CA LEU D 50 -4.24 19.86 -0.20
C LEU D 50 -3.21 20.68 0.57
N PRO D 51 -3.67 21.51 1.52
CA PRO D 51 -2.77 22.27 2.40
C PRO D 51 -1.90 21.34 3.24
N ALA D 52 -0.73 21.82 3.66
CA ALA D 52 0.18 21.04 4.49
C ALA D 52 -0.48 20.55 5.77
N GLU D 53 -1.34 21.39 6.33
CA GLU D 53 -2.01 21.11 7.59
C GLU D 53 -2.76 19.78 7.53
N ASN D 54 -3.33 19.45 6.38
CA ASN D 54 -4.03 18.17 6.25
C ASN D 54 -3.09 17.00 6.48
N PHE D 55 -1.86 17.12 5.98
CA PHE D 55 -0.86 16.09 6.14
C PHE D 55 -0.30 16.03 7.57
N GLU D 56 -0.04 17.20 8.16
CA GLU D 56 0.41 17.28 9.55
C GLU D 56 -0.58 16.57 10.47
N LYS D 57 -1.86 16.87 10.32
CA LYS D 57 -2.89 16.27 11.18
C LYS D 57 -3.05 14.78 10.88
N ALA D 58 -3.00 14.42 9.61
CA ALA D 58 -3.14 13.03 9.23
C ALA D 58 -2.03 12.16 9.85
N ASP D 59 -0.81 12.69 9.90
CA ASP D 59 0.31 11.95 10.45
C ASP D 59 0.06 11.64 11.94
N GLU D 60 -0.59 12.57 12.65
CA GLU D 60 -0.94 12.31 14.04
C GLU D 60 -2.05 11.27 14.16
N VAL D 61 -3.02 11.32 13.25
CA VAL D 61 -4.06 10.29 13.21
C VAL D 61 -3.42 8.92 12.94
N ILE D 62 -2.46 8.89 12.02
CA ILE D 62 -1.73 7.67 11.68
C ILE D 62 -1.06 7.07 12.91
N VAL D 63 -0.32 7.88 13.66
CA VAL D 63 0.40 7.41 14.84
C VAL D 63 -0.58 6.79 15.85
N SER D 64 -1.71 7.45 16.04
CA SER D 64 -2.74 6.94 16.94
C SER D 64 -3.35 5.61 16.44
N LEU D 65 -3.77 5.55 15.19
CA LEU D 65 -4.43 4.34 14.68
C LEU D 65 -3.50 3.14 14.54
N LEU D 66 -2.21 3.37 14.34
CA LEU D 66 -1.27 2.26 14.23
C LEU D 66 -1.22 1.44 15.52
N LYS D 67 -1.63 2.03 16.62
CA LYS D 67 -1.63 1.31 17.89
C LYS D 67 -2.71 0.23 17.95
N GLN D 68 -3.73 0.33 17.10
CA GLN D 68 -4.79 -0.69 17.03
C GLN D 68 -4.15 -2.04 16.77
N LYS D 69 -4.60 -3.04 17.51
CA LYS D 69 -4.14 -4.40 17.30
C LYS D 69 -5.10 -5.08 16.34
N VAL D 70 -4.55 -5.62 15.25
CA VAL D 70 -5.36 -6.21 14.21
C VAL D 70 -4.86 -7.65 13.96
N GLY D 71 -5.77 -8.60 13.76
CA GLY D 71 -5.37 -10.00 13.68
C GLY D 71 -6.09 -10.83 12.63
N GLY D 72 -5.61 -12.07 12.45
CA GLY D 72 -6.13 -12.99 11.46
C GLY D 72 -5.70 -14.42 11.81
N THR D 73 -5.93 -15.37 10.89
CA THR D 73 -5.55 -16.75 11.16
C THR D 73 -4.03 -16.93 11.14
N GLU D 74 -3.31 -16.04 10.45
CA GLU D 74 -1.85 -16.07 10.46
C GLU D 74 -1.32 -15.43 11.74
N PRO D 75 -0.10 -15.82 12.17
CA PRO D 75 0.40 -15.34 13.48
C PRO D 75 0.74 -13.85 13.51
N GLY D 76 1.07 -13.24 12.38
CA GLY D 76 1.52 -11.85 12.38
C GLY D 76 0.54 -10.77 12.83
N HIS D 77 0.93 -9.51 12.64
CA HIS D 77 0.13 -8.37 13.08
C HIS D 77 -0.62 -7.70 11.92
N TYR D 78 -0.52 -8.28 10.72
CA TYR D 78 -1.23 -7.75 9.55
C TYR D 78 -1.05 -6.23 9.38
N GLN D 79 0.18 -5.76 9.55
CA GLN D 79 0.45 -4.31 9.47
C GLN D 79 0.16 -3.75 8.10
N ILE D 80 0.53 -4.50 7.06
CA ILE D 80 0.39 -3.99 5.70
C ILE D 80 -1.11 -3.81 5.38
N LEU D 81 -1.93 -4.78 5.80
CA LEU D 81 -3.38 -4.61 5.71
C LEU D 81 -3.83 -3.38 6.51
N LYS D 82 -3.39 -3.29 7.76
CA LYS D 82 -3.72 -2.14 8.62
C LYS D 82 -3.42 -0.78 7.97
N CYS D 83 -2.29 -0.68 7.28
CA CYS D 83 -1.93 0.57 6.60
C CYS D 83 -3.02 1.03 5.62
N THR D 84 -3.58 0.06 4.87
CA THR D 84 -4.64 0.39 3.92
C THR D 84 -5.93 0.77 4.64
N LEU D 85 -6.26 0.05 5.71
CA LEU D 85 -7.49 0.33 6.46
C LEU D 85 -7.41 1.74 7.06
N ILE D 86 -6.25 2.09 7.60
CA ILE D 86 -6.03 3.44 8.11
C ILE D 86 -6.25 4.50 7.03
N ALA D 87 -5.63 4.32 5.87
CA ALA D 87 -5.76 5.27 4.75
C ALA D 87 -7.24 5.54 4.40
N ASN D 88 -8.07 4.51 4.61
CA ASN D 88 -9.48 4.56 4.26
C ASN D 88 -10.42 4.71 5.46
N SER D 89 -9.86 5.09 6.61
CA SER D 89 -10.64 5.21 7.83
C SER D 89 -11.45 6.50 7.91
N ASP D 90 -12.51 6.47 8.71
CA ASP D 90 -13.29 7.67 8.99
C ASP D 90 -12.44 8.75 9.66
N ALA D 91 -11.49 8.35 10.50
CA ALA D 91 -10.65 9.32 11.21
C ALA D 91 -9.77 10.12 10.25
N ILE D 92 -9.41 9.51 9.12
CA ILE D 92 -8.60 10.18 8.13
C ILE D 92 -9.49 11.01 7.17
N ARG D 93 -10.72 10.55 6.96
CA ARG D 93 -11.59 11.13 5.93
C ARG D 93 -11.71 12.67 5.92
N PRO D 94 -11.90 13.31 7.09
CA PRO D 94 -12.08 14.76 6.96
C PRO D 94 -10.83 15.51 6.47
N LEU D 95 -9.65 14.90 6.60
CA LEU D 95 -8.42 15.53 6.13
C LEU D 95 -8.29 15.42 4.60
N LYS D 96 -9.26 14.79 3.95
CA LYS D 96 -9.31 14.71 2.49
C LYS D 96 -9.93 15.97 1.89
N SER D 97 -10.48 16.84 2.73
CA SER D 97 -11.08 18.11 2.26
C SER D 97 -10.22 19.27 2.74
N SER D 98 -10.16 20.35 1.97
CA SER D 98 -9.43 21.54 2.40
C SER D 98 -10.36 22.53 3.11
S SO4 E . -11.33 -0.24 -12.70
O1 SO4 E . -9.98 -0.57 -13.17
O2 SO4 E . -11.42 -0.58 -11.26
O3 SO4 E . -11.58 1.19 -12.86
O4 SO4 E . -12.35 -0.97 -13.45
#